data_3FUN
#
_entry.id   3FUN
#
_cell.length_a   78.534
_cell.length_b   87.142
_cell.length_c   99.497
_cell.angle_alpha   90.00
_cell.angle_beta   90.00
_cell.angle_gamma   90.00
#
_symmetry.space_group_name_H-M   'P 21 21 21'
#
loop_
_entity.id
_entity.type
_entity.pdbx_description
1 polymer 'Leukotriene A-4 hydrolase'
2 non-polymer 'ZINC ION'
3 non-polymer 'YTTERBIUM (III) ION'
4 non-polymer {4-[(2R)-pyrrolidin-2-ylmethoxy]phenyl}(4-thiophen-3-ylphenyl)methanone
5 non-polymer 'ACETATE ION'
6 non-polymer IMIDAZOLE
7 water water
#
_entity_poly.entity_id   1
_entity_poly.type   'polypeptide(L)'
_entity_poly.pdbx_seq_one_letter_code
;MPEIVDTCSLASPASVCRTKHLHLRCSVDFTRRTLTGTAALTVQSQEDNLRSLVLDTKDLTIEKVVINGQEVKYALGERQ
SYKGSPMEISLPIALSKNQEIVIEISFETSPKSSALQWLTPEQTSGKEHPYLFSQCQAIHCRAILPCQDTPSVKLTYTAE
VSVPKELVALMSAIRDGETPDPEDPSRKIYKFIQKVPIPCYLIALVVGALESRQIGPRTLVWSEKEQVEKSAYEFSETES
MLKIAEDLGGPYVWGQYDLLVLPPSFPYGGMENPCLTFVTPTLLAGDKSLSNVIAHEISHSWTGNLVTNKTWDHFWLNEG
HTVYLERHICGRLFGEKFRHFNALGGWGELQNSVKTFGETHPFTKLVVDLTDIDPDVAYSSVPYEKGFALLFYLEQLLGG
PEIFLGFLKAYVEKFSYKSITTDDWKDFLYSYFKDKVDVLNQVDWNAWLYSPGLPPIKPNYDMTLTNACIALSQRWITAK
EDDLNSFNATDLKDLSSHQLNEFLAQTLQRAPLPLGHIKRMQEVYNFNAINNSEIRFRWLRLCIQSKWEDAIPLALKMAT
EQGRMKFTRPLFKDLAAFDKSHDQAVRTYQEHKASMHPVTAMLVGKDLKVD
;
_entity_poly.pdbx_strand_id   A
#
loop_
_chem_comp.id
_chem_comp.type
_chem_comp.name
_chem_comp.formula
798 non-polymer {4-[(2R)-pyrrolidin-2-ylmethoxy]phenyl}(4-thiophen-3-ylphenyl)methanone 'C22 H21 N O2 S'
ACT non-polymer 'ACETATE ION' 'C2 H3 O2 -1'
IMD non-polymer IMIDAZOLE 'C3 H5 N2 1'
YB non-polymer 'YTTERBIUM (III) ION' 'Yb 3'
ZN non-polymer 'ZINC ION' 'Zn 2'
#
# COMPACT_ATOMS: atom_id res chain seq x y z
N VAL A 5 -3.65 -16.77 -16.50
CA VAL A 5 -4.80 -16.44 -15.60
C VAL A 5 -4.43 -16.26 -14.12
N ASP A 6 -5.40 -15.82 -13.35
CA ASP A 6 -5.09 -15.26 -12.04
C ASP A 6 -5.45 -16.27 -10.95
N THR A 7 -4.42 -16.88 -10.37
CA THR A 7 -4.65 -17.93 -9.37
C THR A 7 -5.21 -17.43 -8.02
N CYS A 8 -5.31 -16.11 -7.85
CA CYS A 8 -5.90 -15.54 -6.64
C CYS A 8 -7.39 -15.23 -6.79
N SER A 9 -7.91 -15.41 -8.01
CA SER A 9 -9.30 -15.12 -8.29
C SER A 9 -10.05 -16.39 -8.65
N LEU A 10 -11.30 -16.49 -8.17
CA LEU A 10 -12.22 -17.60 -8.50
C LEU A 10 -13.17 -17.21 -9.64
N ALA A 11 -13.13 -15.94 -10.05
CA ALA A 11 -14.02 -15.43 -11.09
C ALA A 11 -13.66 -15.92 -12.50
N SER A 12 -14.61 -15.80 -13.44
CA SER A 12 -14.33 -16.05 -14.85
C SER A 12 -13.15 -15.13 -15.27
N PRO A 13 -12.16 -15.64 -15.99
CA PRO A 13 -11.01 -14.85 -16.44
C PRO A 13 -11.36 -13.88 -17.58
N ALA A 14 -10.43 -12.98 -17.89
CA ALA A 14 -10.67 -11.98 -18.90
C ALA A 14 -10.87 -12.57 -20.29
N SER A 15 -10.42 -13.82 -20.47
CA SER A 15 -10.58 -14.51 -21.75
C SER A 15 -12.04 -14.97 -21.97
N VAL A 16 -12.82 -14.99 -20.91
CA VAL A 16 -14.22 -15.45 -20.97
C VAL A 16 -15.18 -14.23 -21.01
N CYS A 17 -14.95 -13.29 -20.10
CA CYS A 17 -15.76 -12.07 -20.08
C CYS A 17 -14.99 -10.98 -19.35
N ARG A 18 -15.34 -9.73 -19.63
CA ARG A 18 -14.67 -8.60 -19.02
C ARG A 18 -15.71 -7.60 -18.49
N THR A 19 -15.58 -7.22 -17.22
CA THR A 19 -16.38 -6.12 -16.69
C THR A 19 -15.87 -4.79 -17.26
N LYS A 20 -16.80 -4.01 -17.83
CA LYS A 20 -16.46 -2.71 -18.43
C LYS A 20 -16.81 -1.56 -17.51
N HIS A 21 -17.83 -1.72 -16.67
CA HIS A 21 -18.32 -0.65 -15.83
C HIS A 21 -19.02 -1.19 -14.62
N LEU A 22 -18.89 -0.46 -13.53
CA LEU A 22 -19.65 -0.74 -12.31
C LEU A 22 -20.45 0.47 -11.94
N HIS A 23 -21.75 0.31 -11.76
CA HIS A 23 -22.54 1.36 -11.09
C HIS A 23 -22.94 0.88 -9.70
N LEU A 24 -22.40 1.55 -8.68
CA LEU A 24 -22.63 1.11 -7.32
C LEU A 24 -23.61 2.06 -6.66
N ARG A 25 -24.71 1.52 -6.15
CA ARG A 25 -25.66 2.31 -5.38
C ARG A 25 -25.72 1.66 -4.02
N CYS A 26 -25.28 2.36 -2.97
CA CYS A 26 -25.23 1.71 -1.67
C CYS A 26 -25.49 2.67 -0.51
N SER A 27 -25.74 2.06 0.65
CA SER A 27 -25.97 2.81 1.88
C SER A 27 -25.07 2.25 2.96
N VAL A 28 -24.47 3.15 3.75
CA VAL A 28 -23.52 2.76 4.78
C VAL A 28 -24.24 2.78 6.11
N ASP A 29 -24.45 1.61 6.69
CA ASP A 29 -25.25 1.50 7.90
C ASP A 29 -24.32 1.29 9.09
N PHE A 30 -24.05 2.38 9.82
CA PHE A 30 -23.13 2.29 10.94
C PHE A 30 -23.70 1.50 12.13
N THR A 31 -25.04 1.45 12.23
CA THR A 31 -25.68 0.69 13.32
C THR A 31 -25.42 -0.82 13.17
N ARG A 32 -25.40 -1.28 11.92
CA ARG A 32 -25.22 -2.71 11.65
C ARG A 32 -23.80 -3.05 11.16
N ARG A 33 -23.00 -2.01 10.92
CA ARG A 33 -21.69 -2.18 10.27
C ARG A 33 -21.85 -2.95 8.95
N THR A 34 -22.80 -2.53 8.12
CA THR A 34 -22.94 -3.14 6.80
C THR A 34 -23.03 -2.09 5.72
N LEU A 35 -22.56 -2.45 4.53
CA LEU A 35 -22.82 -1.67 3.34
C LEU A 35 -23.86 -2.51 2.57
N THR A 36 -24.98 -1.89 2.19
CA THR A 36 -26.07 -2.59 1.51
C THR A 36 -26.35 -1.90 0.18
N GLY A 37 -26.69 -2.65 -0.84
CA GLY A 37 -27.10 -1.97 -2.06
C GLY A 37 -27.04 -2.85 -3.28
N THR A 38 -26.76 -2.21 -4.40
CA THR A 38 -26.71 -2.90 -5.69
C THR A 38 -25.41 -2.55 -6.43
N ALA A 39 -24.81 -3.59 -7.02
CA ALA A 39 -23.67 -3.46 -7.91
C ALA A 39 -24.19 -3.86 -9.28
N ALA A 40 -24.28 -2.88 -10.18
CA ALA A 40 -24.65 -3.18 -11.58
C ALA A 40 -23.38 -3.26 -12.42
N LEU A 41 -23.05 -4.47 -12.84
CA LEU A 41 -21.86 -4.72 -13.65
C LEU A 41 -22.22 -4.79 -15.11
N THR A 42 -21.61 -3.93 -15.92
CA THR A 42 -21.73 -4.02 -17.37
C THR A 42 -20.66 -4.97 -17.80
N VAL A 43 -21.06 -6.13 -18.34
CA VAL A 43 -20.11 -7.19 -18.67
C VAL A 43 -20.10 -7.51 -20.16
N GLN A 44 -18.90 -7.64 -20.73
CA GLN A 44 -18.75 -7.93 -22.16
C GLN A 44 -18.31 -9.39 -22.34
N SER A 45 -19.09 -10.19 -23.07
CA SER A 45 -18.65 -11.54 -23.33
C SER A 45 -17.41 -11.55 -24.23
N GLN A 46 -16.48 -12.46 -23.99
CA GLN A 46 -15.33 -12.63 -24.87
C GLN A 46 -15.40 -13.97 -25.58
N GLU A 47 -16.54 -14.64 -25.45
CA GLU A 47 -16.73 -16.00 -25.98
C GLU A 47 -18.05 -16.07 -26.74
N ASP A 48 -18.12 -16.96 -27.72
CA ASP A 48 -19.42 -17.30 -28.29
C ASP A 48 -20.26 -18.13 -27.33
N ASN A 49 -21.58 -18.00 -27.45
CA ASN A 49 -22.51 -18.85 -26.70
C ASN A 49 -22.22 -18.87 -25.19
N LEU A 50 -21.93 -17.70 -24.63
CA LEU A 50 -21.67 -17.60 -23.17
C LEU A 50 -22.96 -17.69 -22.37
N ARG A 51 -23.03 -18.69 -21.47
CA ARG A 51 -24.27 -18.92 -20.74
C ARG A 51 -24.21 -18.78 -19.23
N SER A 52 -23.00 -18.64 -18.71
CA SER A 52 -22.85 -18.42 -17.28
C SER A 52 -21.52 -17.72 -17.09
N LEU A 53 -21.38 -17.11 -15.92
CA LEU A 53 -20.08 -16.63 -15.52
C LEU A 53 -19.97 -16.68 -14.00
N VAL A 54 -18.74 -16.51 -13.52
CA VAL A 54 -18.48 -16.60 -12.09
C VAL A 54 -17.84 -15.31 -11.62
N LEU A 55 -18.27 -14.87 -10.44
CA LEU A 55 -17.67 -13.67 -9.82
C LEU A 55 -17.08 -14.07 -8.48
N ASP A 56 -16.11 -13.27 -8.02
CA ASP A 56 -15.57 -13.43 -6.67
C ASP A 56 -16.47 -12.78 -5.63
N THR A 57 -16.56 -13.40 -4.45
CA THR A 57 -17.26 -12.78 -3.30
C THR A 57 -16.59 -13.24 -2.04
N LYS A 58 -16.75 -12.48 -0.97
CA LYS A 58 -16.18 -12.91 0.31
C LYS A 58 -17.04 -12.36 1.44
N ASP A 59 -17.70 -13.26 2.17
CA ASP A 59 -18.57 -12.85 3.28
C ASP A 59 -19.65 -11.87 2.83
N LEU A 60 -20.15 -12.07 1.61
CA LEU A 60 -21.26 -11.25 1.13
C LEU A 60 -22.57 -12.02 1.26
N THR A 61 -23.62 -11.29 1.59
CA THR A 61 -24.99 -11.85 1.56
C THR A 61 -25.65 -11.37 0.26
N ILE A 62 -26.05 -12.31 -0.58
CA ILE A 62 -26.67 -11.96 -1.86
C ILE A 62 -28.18 -12.10 -1.74
N GLU A 63 -28.91 -11.04 -2.08
CA GLU A 63 -30.35 -11.06 -2.03
C GLU A 63 -30.94 -11.58 -3.34
N LYS A 64 -30.44 -11.06 -4.45
CA LYS A 64 -30.93 -11.44 -5.78
C LYS A 64 -30.00 -10.91 -6.87
N VAL A 65 -30.15 -11.48 -8.07
CA VAL A 65 -29.42 -11.04 -9.25
C VAL A 65 -30.45 -10.79 -10.36
N VAL A 66 -30.42 -9.60 -10.95
CA VAL A 66 -31.39 -9.20 -11.96
C VAL A 66 -30.72 -8.89 -13.31
N ILE A 67 -31.25 -9.49 -14.37
CA ILE A 67 -30.81 -9.22 -15.72
C ILE A 67 -32.08 -9.06 -16.57
N ASN A 68 -32.09 -8.05 -17.43
CA ASN A 68 -33.27 -7.76 -18.26
C ASN A 68 -34.55 -7.61 -17.43
N GLY A 69 -34.43 -7.07 -16.22
CA GLY A 69 -35.59 -6.78 -15.38
C GLY A 69 -36.16 -7.99 -14.63
N GLN A 70 -35.51 -9.15 -14.74
CA GLN A 70 -36.01 -10.35 -14.05
C GLN A 70 -34.93 -11.00 -13.21
N GLU A 71 -35.34 -11.66 -12.13
CA GLU A 71 -34.40 -12.43 -11.33
C GLU A 71 -33.89 -13.64 -12.08
N VAL A 72 -32.61 -13.93 -11.90
CA VAL A 72 -31.96 -15.07 -12.53
C VAL A 72 -31.37 -15.98 -11.49
N LYS A 73 -31.07 -17.22 -11.89
CA LYS A 73 -30.49 -18.20 -10.99
C LYS A 73 -29.02 -17.89 -10.75
N TYR A 74 -28.60 -18.10 -9.51
CA TYR A 74 -27.19 -18.01 -9.17
C TYR A 74 -26.90 -19.02 -8.08
N ALA A 75 -25.63 -19.31 -7.86
CA ALA A 75 -25.24 -20.27 -6.81
C ALA A 75 -23.93 -19.83 -6.23
N LEU A 76 -23.82 -19.88 -4.89
CA LEU A 76 -22.54 -19.62 -4.24
C LEU A 76 -21.89 -20.96 -3.90
N GLY A 77 -20.62 -21.11 -4.29
CA GLY A 77 -19.89 -22.33 -3.99
C GLY A 77 -19.31 -22.30 -2.58
N GLU A 78 -18.63 -23.38 -2.19
CA GLU A 78 -18.06 -23.45 -0.86
C GLU A 78 -16.92 -22.45 -0.72
N ARG A 79 -16.71 -21.93 0.50
CA ARG A 79 -15.63 -20.96 0.72
C ARG A 79 -14.27 -21.64 0.51
N GLN A 80 -13.39 -20.93 -0.17
CA GLN A 80 -12.01 -21.38 -0.38
C GLN A 80 -11.10 -20.49 0.42
N SER A 81 -11.14 -20.65 1.74
CA SER A 81 -10.27 -19.86 2.61
C SER A 81 -10.27 -18.36 2.27
N TYR A 82 -9.08 -17.77 2.12
CA TYR A 82 -8.93 -16.32 2.00
C TYR A 82 -9.46 -15.84 0.64
N LYS A 83 -9.69 -16.77 -0.28
CA LYS A 83 -10.16 -16.40 -1.63
C LYS A 83 -11.67 -16.11 -1.63
N GLY A 84 -12.37 -16.53 -0.59
CA GLY A 84 -13.82 -16.34 -0.55
C GLY A 84 -14.60 -17.44 -1.26
N SER A 85 -15.81 -17.09 -1.70
CA SER A 85 -16.70 -18.07 -2.32
C SER A 85 -17.03 -17.63 -3.73
N PRO A 86 -16.94 -18.55 -4.69
CA PRO A 86 -17.30 -18.18 -6.07
C PRO A 86 -18.82 -18.10 -6.25
N MET A 87 -19.26 -17.14 -7.06
CA MET A 87 -20.67 -16.95 -7.31
C MET A 87 -20.95 -17.17 -8.81
N GLU A 88 -21.64 -18.26 -9.14
CA GLU A 88 -21.94 -18.54 -10.56
C GLU A 88 -23.32 -18.01 -10.91
N ILE A 89 -23.40 -17.21 -11.96
CA ILE A 89 -24.65 -16.60 -12.39
C ILE A 89 -25.07 -17.22 -13.72
N SER A 90 -26.33 -17.69 -13.77
CA SER A 90 -26.86 -18.30 -14.99
C SER A 90 -27.49 -17.25 -15.88
N LEU A 91 -26.92 -17.03 -17.06
CA LEU A 91 -27.42 -15.96 -17.91
C LEU A 91 -28.74 -16.41 -18.57
N PRO A 92 -29.72 -15.50 -18.66
CA PRO A 92 -31.02 -15.89 -19.21
C PRO A 92 -31.00 -16.11 -20.73
N ILE A 93 -30.08 -15.44 -21.42
CA ILE A 93 -29.90 -15.61 -22.87
C ILE A 93 -28.44 -15.74 -23.21
N ALA A 94 -28.08 -16.75 -24.00
CA ALA A 94 -26.68 -16.96 -24.37
C ALA A 94 -26.12 -15.74 -25.12
N LEU A 95 -24.88 -15.34 -24.78
CA LEU A 95 -24.28 -14.16 -25.40
C LEU A 95 -23.31 -14.50 -26.54
N SER A 96 -23.28 -13.67 -27.57
CA SER A 96 -22.24 -13.78 -28.57
C SER A 96 -20.99 -13.00 -28.16
N LYS A 97 -19.89 -13.25 -28.85
CA LYS A 97 -18.65 -12.57 -28.50
C LYS A 97 -18.84 -11.07 -28.67
N ASN A 98 -18.34 -10.30 -27.68
CA ASN A 98 -18.44 -8.83 -27.66
C ASN A 98 -19.78 -8.26 -27.25
N GLN A 99 -20.78 -9.14 -27.07
CA GLN A 99 -22.06 -8.65 -26.58
C GLN A 99 -21.97 -8.17 -25.12
N GLU A 100 -22.62 -7.06 -24.79
CA GLU A 100 -22.57 -6.53 -23.43
C GLU A 100 -23.95 -6.58 -22.79
N ILE A 101 -23.97 -6.93 -21.51
CA ILE A 101 -25.22 -6.89 -20.75
C ILE A 101 -24.95 -6.25 -19.38
N VAL A 102 -26.01 -5.92 -18.68
CA VAL A 102 -25.90 -5.39 -17.32
C VAL A 102 -26.49 -6.37 -16.33
N ILE A 103 -25.72 -6.69 -15.29
CA ILE A 103 -26.12 -7.65 -14.27
C ILE A 103 -26.18 -6.89 -12.94
N GLU A 104 -27.36 -6.80 -12.37
CA GLU A 104 -27.53 -5.96 -11.18
C GLU A 104 -27.66 -6.88 -9.97
N ILE A 105 -26.69 -6.84 -9.07
CA ILE A 105 -26.66 -7.76 -7.93
C ILE A 105 -26.98 -7.02 -6.63
N SER A 106 -28.01 -7.46 -5.91
CA SER A 106 -28.37 -6.88 -4.61
C SER A 106 -27.64 -7.64 -3.52
N PHE A 107 -26.91 -6.92 -2.68
CA PHE A 107 -26.00 -7.57 -1.72
C PHE A 107 -25.86 -6.73 -0.45
N GLU A 108 -25.26 -7.35 0.56
CA GLU A 108 -24.96 -6.67 1.83
C GLU A 108 -23.61 -7.24 2.28
N THR A 109 -22.75 -6.37 2.83
CA THR A 109 -21.47 -6.87 3.36
C THR A 109 -21.64 -7.41 4.77
N SER A 110 -20.61 -8.11 5.24
CA SER A 110 -20.55 -8.59 6.63
C SER A 110 -19.78 -7.59 7.49
N PRO A 111 -20.19 -7.41 8.76
CA PRO A 111 -19.39 -6.56 9.65
C PRO A 111 -17.93 -6.97 9.68
N LYS A 112 -17.66 -8.25 9.43
CA LYS A 112 -16.28 -8.73 9.47
C LYS A 112 -15.53 -8.60 8.13
N SER A 113 -16.13 -7.89 7.18
CA SER A 113 -15.47 -7.69 5.87
C SER A 113 -14.01 -7.35 6.02
N SER A 114 -13.16 -8.15 5.39
CA SER A 114 -11.71 -7.91 5.44
C SER A 114 -11.27 -6.66 4.67
N ALA A 115 -12.16 -6.08 3.84
CA ALA A 115 -11.84 -4.85 3.11
C ALA A 115 -12.05 -3.60 3.98
N LEU A 116 -12.77 -3.73 5.10
CA LEU A 116 -13.29 -2.55 5.80
C LEU A 116 -12.82 -2.49 7.23
N GLN A 117 -12.58 -1.27 7.72
CA GLN A 117 -12.53 -1.05 9.17
C GLN A 117 -13.61 -0.04 9.56
N TRP A 118 -14.47 -0.51 10.47
CA TRP A 118 -15.50 0.29 11.10
C TRP A 118 -15.01 0.81 12.43
N LEU A 119 -14.87 2.13 12.53
CA LEU A 119 -14.37 2.79 13.75
C LEU A 119 -15.50 3.42 14.55
N THR A 120 -15.47 3.22 15.88
CA THR A 120 -16.41 3.87 16.78
C THR A 120 -15.97 5.32 16.95
N PRO A 121 -16.87 6.18 17.47
CA PRO A 121 -16.46 7.56 17.77
C PRO A 121 -15.18 7.69 18.59
N GLU A 122 -15.00 6.85 19.60
CA GLU A 122 -13.81 6.97 20.43
C GLU A 122 -12.49 6.67 19.69
N GLN A 123 -12.59 5.97 18.55
CA GLN A 123 -11.44 5.64 17.74
C GLN A 123 -11.07 6.74 16.72
N THR A 124 -11.81 7.85 16.75
CA THR A 124 -11.56 8.98 15.83
C THR A 124 -10.97 10.18 16.59
N SER A 125 -10.63 11.24 15.86
CA SER A 125 -10.11 12.44 16.51
C SER A 125 -11.20 13.22 17.22
N GLY A 126 -12.38 13.30 16.59
CA GLY A 126 -13.45 14.19 17.04
C GLY A 126 -14.28 13.61 18.16
N LYS A 127 -14.26 12.29 18.28
CA LYS A 127 -14.93 11.60 19.38
C LYS A 127 -16.46 11.65 19.34
N GLU A 128 -17.05 12.22 18.29
CA GLU A 128 -18.51 12.29 18.20
C GLU A 128 -19.10 11.31 17.18
N HIS A 129 -18.40 11.12 16.07
CA HIS A 129 -18.96 10.40 14.93
C HIS A 129 -18.10 9.21 14.61
N PRO A 130 -18.71 8.17 14.05
CA PRO A 130 -17.96 7.00 13.62
C PRO A 130 -17.29 7.24 12.27
N TYR A 131 -16.59 6.23 11.78
CA TYR A 131 -15.78 6.40 10.57
C TYR A 131 -15.59 5.05 9.93
N LEU A 132 -15.62 5.05 8.61
CA LEU A 132 -15.41 3.82 7.83
C LEU A 132 -14.34 4.09 6.79
N PHE A 133 -13.43 3.13 6.61
CA PHE A 133 -12.56 3.20 5.43
C PHE A 133 -12.29 1.82 4.83
N SER A 134 -12.09 1.80 3.51
CA SER A 134 -11.77 0.55 2.80
C SER A 134 -10.27 0.41 2.43
N GLN A 135 -9.84 -0.83 2.18
CA GLN A 135 -8.48 -1.08 1.69
C GLN A 135 -8.55 -2.39 0.92
N CYS A 136 -8.87 -2.28 -0.35
CA CYS A 136 -9.11 -3.47 -1.17
C CYS A 136 -7.85 -4.21 -1.61
N GLN A 137 -6.71 -3.52 -1.71
CA GLN A 137 -5.52 -4.19 -2.29
C GLN A 137 -4.98 -5.21 -1.30
N ALA A 138 -4.68 -6.45 -1.71
CA ALA A 138 -4.76 -6.94 -3.10
C ALA A 138 -6.14 -7.46 -3.50
N ILE A 139 -6.69 -8.38 -2.69
CA ILE A 139 -7.89 -9.14 -3.09
C ILE A 139 -9.05 -9.03 -2.07
N HIS A 140 -9.28 -7.81 -1.58
CA HIS A 140 -10.39 -7.57 -0.67
C HIS A 140 -11.59 -6.85 -1.32
N CYS A 141 -11.48 -6.43 -2.58
CA CYS A 141 -12.68 -5.83 -3.19
C CYS A 141 -13.87 -6.82 -3.17
N ARG A 142 -13.58 -8.10 -3.34
CA ARG A 142 -14.61 -9.15 -3.28
C ARG A 142 -15.34 -9.21 -1.92
N ALA A 143 -14.76 -8.58 -0.89
CA ALA A 143 -15.40 -8.49 0.41
C ALA A 143 -16.25 -7.23 0.56
N ILE A 144 -16.31 -6.42 -0.49
CA ILE A 144 -17.22 -5.28 -0.53
C ILE A 144 -18.34 -5.52 -1.54
N LEU A 145 -18.01 -6.09 -2.68
CA LEU A 145 -19.02 -6.30 -3.71
C LEU A 145 -18.62 -7.44 -4.65
N PRO A 146 -19.60 -8.08 -5.31
CA PRO A 146 -19.26 -9.17 -6.22
C PRO A 146 -18.56 -8.62 -7.46
N CYS A 147 -17.43 -9.21 -7.86
CA CYS A 147 -16.68 -8.66 -8.99
C CYS A 147 -15.68 -9.69 -9.50
N GLN A 148 -15.11 -9.44 -10.68
CA GLN A 148 -13.96 -10.21 -11.11
C GLN A 148 -12.76 -9.58 -10.43
N ASP A 149 -12.35 -10.17 -9.29
CA ASP A 149 -11.43 -9.48 -8.38
C ASP A 149 -10.00 -9.81 -8.78
N THR A 150 -9.62 -9.29 -9.95
CA THR A 150 -8.32 -9.55 -10.55
C THR A 150 -7.89 -8.26 -11.24
N PRO A 151 -6.58 -7.91 -11.16
CA PRO A 151 -6.13 -6.68 -11.78
C PRO A 151 -5.97 -6.83 -13.30
N SER A 152 -6.27 -8.02 -13.80
CA SER A 152 -6.25 -8.27 -15.25
C SER A 152 -7.46 -7.69 -15.99
N VAL A 153 -8.42 -7.13 -15.24
CA VAL A 153 -9.65 -6.51 -15.80
C VAL A 153 -9.68 -5.08 -15.34
N LYS A 154 -9.96 -4.15 -16.24
CA LYS A 154 -10.10 -2.76 -15.83
C LYS A 154 -11.47 -2.23 -16.23
N LEU A 155 -12.06 -1.47 -15.34
CA LEU A 155 -13.42 -0.95 -15.57
C LEU A 155 -13.53 0.49 -15.13
N THR A 156 -14.45 1.24 -15.73
CA THR A 156 -14.83 2.54 -15.17
C THR A 156 -15.89 2.35 -14.09
N TYR A 157 -16.17 3.39 -13.30
CA TYR A 157 -17.26 3.24 -12.36
C TYR A 157 -17.97 4.53 -12.00
N THR A 158 -19.23 4.39 -11.59
CA THR A 158 -20.00 5.48 -10.98
C THR A 158 -20.57 4.96 -9.70
N ALA A 159 -20.85 5.85 -8.75
CA ALA A 159 -21.37 5.42 -7.47
C ALA A 159 -22.24 6.48 -6.85
N GLU A 160 -23.23 6.02 -6.12
CA GLU A 160 -24.09 6.85 -5.28
C GLU A 160 -24.08 6.22 -3.90
N VAL A 161 -23.65 7.00 -2.90
CA VAL A 161 -23.47 6.46 -1.54
C VAL A 161 -24.28 7.26 -0.52
N SER A 162 -25.20 6.58 0.16
CA SER A 162 -26.03 7.23 1.18
C SER A 162 -25.37 7.05 2.54
N VAL A 163 -25.22 8.16 3.26
CA VAL A 163 -24.55 8.18 4.56
C VAL A 163 -25.30 9.11 5.50
N PRO A 164 -25.11 8.93 6.80
CA PRO A 164 -25.68 9.90 7.74
C PRO A 164 -25.30 11.35 7.34
N LYS A 165 -26.26 12.26 7.43
CA LYS A 165 -26.10 13.57 6.83
C LYS A 165 -25.00 14.43 7.43
N GLU A 166 -24.60 14.12 8.67
CA GLU A 166 -23.49 14.87 9.26
C GLU A 166 -22.12 14.40 8.79
N LEU A 167 -22.09 13.34 7.99
CA LEU A 167 -20.82 12.78 7.51
C LEU A 167 -20.58 13.04 6.03
N VAL A 168 -19.33 12.79 5.59
CA VAL A 168 -18.93 12.99 4.20
C VAL A 168 -18.41 11.66 3.67
N ALA A 169 -18.81 11.32 2.45
CA ALA A 169 -18.25 10.16 1.74
C ALA A 169 -17.27 10.66 0.68
N LEU A 170 -16.15 9.97 0.53
CA LEU A 170 -15.21 10.20 -0.57
C LEU A 170 -14.85 8.85 -1.19
N MET A 171 -14.55 8.88 -2.49
CA MET A 171 -14.13 7.65 -3.20
C MET A 171 -12.94 7.92 -4.10
N SER A 172 -12.40 6.87 -4.69
CA SER A 172 -11.30 6.98 -5.65
C SER A 172 -11.81 7.44 -7.02
N ALA A 173 -12.34 8.66 -7.04
CA ALA A 173 -13.16 9.13 -8.17
C ALA A 173 -13.36 10.60 -8.03
N ILE A 174 -13.84 11.23 -9.10
CA ILE A 174 -14.18 12.64 -9.04
C ILE A 174 -15.54 12.82 -8.37
N ARG A 175 -15.64 13.79 -7.45
CA ARG A 175 -16.89 14.07 -6.78
C ARG A 175 -17.88 14.60 -7.79
N ASP A 176 -19.11 14.10 -7.73
CA ASP A 176 -20.10 14.37 -8.75
C ASP A 176 -21.42 14.86 -8.15
N GLY A 177 -21.34 15.52 -6.98
CA GLY A 177 -22.53 16.10 -6.34
C GLY A 177 -22.95 15.45 -5.03
N GLU A 178 -23.83 16.14 -4.31
CA GLU A 178 -24.44 15.61 -3.08
C GLU A 178 -25.88 16.12 -3.00
N THR A 179 -26.77 15.32 -2.42
CA THR A 179 -28.17 15.72 -2.23
C THR A 179 -28.72 15.04 -0.98
N PRO A 180 -29.80 15.60 -0.40
CA PRO A 180 -30.43 14.82 0.66
C PRO A 180 -30.97 13.51 0.10
N ASP A 181 -31.02 12.45 0.93
CA ASP A 181 -31.54 11.16 0.51
C ASP A 181 -33.07 11.18 0.57
N PRO A 182 -33.75 11.02 -0.59
CA PRO A 182 -35.23 11.03 -0.58
C PRO A 182 -35.88 9.90 0.21
N GLU A 183 -35.18 8.77 0.34
CA GLU A 183 -35.68 7.61 1.08
C GLU A 183 -35.49 7.73 2.59
N ASP A 184 -34.69 8.73 3.00
CA ASP A 184 -34.32 8.91 4.42
C ASP A 184 -33.68 10.27 4.61
N PRO A 185 -34.46 11.26 5.04
CA PRO A 185 -34.00 12.64 5.28
C PRO A 185 -32.88 12.80 6.32
N SER A 186 -32.60 11.76 7.10
CA SER A 186 -31.47 11.79 8.04
C SER A 186 -30.14 11.57 7.29
N ARG A 187 -30.23 11.32 5.98
CA ARG A 187 -29.07 10.95 5.18
C ARG A 187 -28.81 11.87 3.98
N LYS A 188 -27.59 11.80 3.46
CA LYS A 188 -27.17 12.47 2.23
C LYS A 188 -26.69 11.42 1.25
N ILE A 189 -26.87 11.69 -0.03
CA ILE A 189 -26.30 10.83 -1.07
C ILE A 189 -25.15 11.58 -1.73
N TYR A 190 -23.96 10.96 -1.73
CA TYR A 190 -22.84 11.54 -2.44
C TYR A 190 -22.61 10.73 -3.70
N LYS A 191 -22.31 11.42 -4.80
CA LYS A 191 -22.11 10.77 -6.09
C LYS A 191 -20.68 10.91 -6.57
N PHE A 192 -20.24 9.96 -7.40
CA PHE A 192 -18.86 9.85 -7.85
C PHE A 192 -18.76 9.31 -9.25
N ILE A 193 -17.74 9.77 -9.96
CA ILE A 193 -17.45 9.24 -11.30
C ILE A 193 -15.95 9.00 -11.51
N GLN A 194 -15.62 7.79 -11.94
CA GLN A 194 -14.28 7.45 -12.37
C GLN A 194 -14.28 7.06 -13.84
N LYS A 195 -13.87 8.01 -14.69
CA LYS A 195 -13.95 7.86 -16.15
C LYS A 195 -12.77 7.14 -16.75
N VAL A 196 -11.73 6.90 -15.93
CA VAL A 196 -10.55 6.18 -16.41
C VAL A 196 -10.65 4.72 -15.95
N PRO A 197 -10.46 3.77 -16.88
CA PRO A 197 -10.57 2.35 -16.50
C PRO A 197 -9.52 1.95 -15.48
N ILE A 198 -9.95 1.30 -14.41
CA ILE A 198 -9.04 0.89 -13.36
C ILE A 198 -9.27 -0.56 -12.97
N PRO A 199 -8.23 -1.18 -12.41
CA PRO A 199 -8.50 -2.49 -11.79
C PRO A 199 -9.30 -2.30 -10.50
N CYS A 200 -10.08 -3.31 -10.10
CA CYS A 200 -10.99 -3.13 -8.98
C CYS A 200 -10.28 -2.91 -7.64
N TYR A 201 -9.00 -3.25 -7.51
CA TYR A 201 -8.35 -3.05 -6.20
C TYR A 201 -8.23 -1.56 -5.88
N LEU A 202 -8.43 -0.71 -6.90
CA LEU A 202 -8.36 0.75 -6.76
C LEU A 202 -9.70 1.41 -6.42
N ILE A 203 -10.73 0.59 -6.23
CA ILE A 203 -12.01 1.11 -5.76
C ILE A 203 -11.90 1.34 -4.26
N ALA A 204 -12.20 2.55 -3.82
CA ALA A 204 -12.02 2.87 -2.39
C ALA A 204 -13.12 3.82 -1.92
N LEU A 205 -13.41 3.72 -0.63
CA LEU A 205 -14.48 4.50 0.02
C LEU A 205 -14.03 4.87 1.43
N VAL A 206 -14.29 6.11 1.81
CA VAL A 206 -14.17 6.56 3.21
C VAL A 206 -15.45 7.31 3.56
N VAL A 207 -15.90 7.13 4.79
CA VAL A 207 -17.04 7.91 5.29
C VAL A 207 -16.71 8.39 6.70
N GLY A 208 -16.80 9.70 6.93
CA GLY A 208 -16.47 10.23 8.25
C GLY A 208 -16.67 11.72 8.35
N ALA A 209 -16.31 12.30 9.49
CA ALA A 209 -16.47 13.74 9.69
C ALA A 209 -15.27 14.45 9.10
N LEU A 210 -15.28 14.61 7.77
CA LEU A 210 -14.10 15.08 7.03
C LEU A 210 -14.23 16.55 6.66
N GLU A 211 -13.10 17.24 6.71
CA GLU A 211 -12.97 18.62 6.27
C GLU A 211 -11.81 18.69 5.26
N SER A 212 -11.78 19.74 4.45
CA SER A 212 -10.76 19.87 3.40
C SER A 212 -10.14 21.26 3.42
N ARG A 213 -8.90 21.29 2.95
CA ARG A 213 -8.18 22.54 2.74
C ARG A 213 -7.39 22.46 1.43
N GLN A 214 -7.46 23.52 0.60
CA GLN A 214 -6.72 23.50 -0.65
C GLN A 214 -5.23 23.72 -0.38
N ILE A 215 -4.38 22.92 -1.02
CA ILE A 215 -2.93 23.09 -0.90
C ILE A 215 -2.18 23.26 -2.22
N GLY A 216 -2.90 23.16 -3.33
CA GLY A 216 -2.28 23.34 -4.64
C GLY A 216 -3.40 23.49 -5.65
N PRO A 217 -3.04 23.73 -6.92
CA PRO A 217 -4.04 23.99 -7.95
C PRO A 217 -4.95 22.81 -8.24
N ARG A 218 -4.50 21.58 -7.93
CA ARG A 218 -5.33 20.39 -8.16
C ARG A 218 -5.34 19.46 -6.96
N THR A 219 -5.17 20.03 -5.76
CA THR A 219 -5.05 19.20 -4.54
C THR A 219 -5.70 19.81 -3.32
N LEU A 220 -6.64 19.06 -2.75
CA LEU A 220 -7.17 19.32 -1.41
C LEU A 220 -6.59 18.27 -0.51
N VAL A 221 -6.28 18.67 0.72
CA VAL A 221 -6.03 17.68 1.77
C VAL A 221 -7.31 17.50 2.59
N TRP A 222 -7.64 16.25 2.90
CA TRP A 222 -8.83 15.90 3.67
C TRP A 222 -8.43 15.18 4.95
N SER A 223 -9.10 15.52 6.05
CA SER A 223 -8.88 14.81 7.32
C SER A 223 -9.97 15.24 8.28
N GLU A 224 -9.98 14.67 9.47
CA GLU A 224 -10.81 15.27 10.51
C GLU A 224 -10.22 16.64 10.83
N LYS A 225 -11.06 17.52 11.34
CA LYS A 225 -10.65 18.92 11.49
C LYS A 225 -9.39 19.05 12.34
N GLU A 226 -9.22 18.19 13.34
CA GLU A 226 -8.06 18.27 14.24
C GLU A 226 -6.71 18.16 13.50
N GLN A 227 -6.73 17.50 12.33
CA GLN A 227 -5.49 17.24 11.59
C GLN A 227 -5.33 18.10 10.32
N VAL A 228 -6.33 18.90 9.98
CA VAL A 228 -6.24 19.66 8.73
C VAL A 228 -5.01 20.59 8.59
N GLU A 229 -4.80 21.46 9.59
CA GLU A 229 -3.69 22.41 9.50
C GLU A 229 -2.34 21.70 9.42
N LYS A 230 -2.12 20.70 10.27
CA LYS A 230 -0.83 20.02 10.24
C LYS A 230 -0.61 19.30 8.94
N SER A 231 -1.69 18.70 8.44
CA SER A 231 -1.61 17.98 7.15
C SER A 231 -1.30 18.93 5.95
N ALA A 232 -1.93 20.10 5.96
CA ALA A 232 -1.70 21.03 4.89
C ALA A 232 -0.25 21.45 4.81
N TYR A 233 0.39 21.67 5.99
CA TYR A 233 1.81 22.00 6.02
C TYR A 233 2.67 20.79 5.61
N GLU A 234 2.34 19.64 6.18
CA GLU A 234 3.22 18.49 5.98
C GLU A 234 3.36 18.13 4.52
N PHE A 235 2.26 18.27 3.78
CA PHE A 235 2.22 17.80 2.38
C PHE A 235 2.26 18.96 1.39
N SER A 236 2.77 20.10 1.83
CA SER A 236 2.79 21.26 0.94
C SER A 236 3.60 21.09 -0.34
N GLU A 237 4.55 20.14 -0.37
CA GLU A 237 5.37 19.91 -1.57
C GLU A 237 4.66 19.11 -2.65
N THR A 238 3.40 18.75 -2.40
CA THR A 238 2.67 17.85 -3.29
C THR A 238 2.61 18.36 -4.75
N GLU A 239 2.25 19.63 -4.95
CA GLU A 239 2.20 20.09 -6.34
C GLU A 239 3.57 20.05 -7.04
N SER A 240 4.63 20.45 -6.33
CA SER A 240 6.00 20.37 -6.88
C SER A 240 6.33 18.95 -7.30
N MET A 241 5.92 17.99 -6.49
CA MET A 241 6.18 16.59 -6.80
C MET A 241 5.35 16.12 -8.00
N LEU A 242 4.12 16.57 -8.09
CA LEU A 242 3.28 16.22 -9.23
C LEU A 242 3.89 16.74 -10.52
N LYS A 243 4.40 17.98 -10.48
CA LYS A 243 5.02 18.53 -11.70
C LYS A 243 6.24 17.71 -12.16
N ILE A 244 7.05 17.28 -11.19
CA ILE A 244 8.23 16.48 -11.52
C ILE A 244 7.76 15.14 -12.08
N ALA A 245 6.77 14.52 -11.43
CA ALA A 245 6.28 13.22 -11.88
C ALA A 245 5.74 13.31 -13.30
N GLU A 246 5.05 14.40 -13.63
CA GLU A 246 4.54 14.57 -15.00
C GLU A 246 5.66 14.67 -16.01
N ASP A 247 6.73 15.34 -15.62
CA ASP A 247 7.90 15.43 -16.47
C ASP A 247 8.48 14.04 -16.75
N LEU A 248 8.51 13.19 -15.72
CA LEU A 248 9.11 11.84 -15.85
C LEU A 248 8.17 10.82 -16.49
N GLY A 249 6.87 10.94 -16.21
CA GLY A 249 5.95 9.90 -16.64
C GLY A 249 5.01 10.24 -17.78
N GLY A 250 4.85 11.53 -18.06
CA GLY A 250 3.89 11.99 -19.07
C GLY A 250 2.67 12.57 -18.37
N PRO A 251 1.64 12.93 -19.14
CA PRO A 251 0.51 13.67 -18.55
C PRO A 251 -0.13 12.93 -17.39
N TYR A 252 -0.53 13.70 -16.39
CA TYR A 252 -1.34 13.19 -15.29
C TYR A 252 -2.77 13.14 -15.80
N VAL A 253 -3.37 11.95 -15.82
CA VAL A 253 -4.66 11.79 -16.50
C VAL A 253 -5.91 11.79 -15.62
N TRP A 254 -5.72 11.96 -14.30
CA TRP A 254 -6.76 11.65 -13.33
C TRP A 254 -7.54 12.86 -12.83
N GLY A 255 -7.21 14.03 -13.35
CA GLY A 255 -7.89 15.27 -12.98
C GLY A 255 -7.27 15.80 -11.72
N GLN A 256 -7.84 15.39 -10.60
CA GLN A 256 -7.38 15.94 -9.32
C GLN A 256 -6.40 14.98 -8.68
N TYR A 257 -5.59 15.52 -7.77
CA TYR A 257 -4.75 14.70 -6.91
C TYR A 257 -5.00 15.16 -5.48
N ASP A 258 -5.99 14.57 -4.82
CA ASP A 258 -6.31 14.90 -3.42
C ASP A 258 -5.60 13.93 -2.49
N LEU A 259 -5.47 14.35 -1.24
CA LEU A 259 -4.88 13.50 -0.18
C LEU A 259 -5.85 13.36 0.95
N LEU A 260 -5.96 12.14 1.48
CA LEU A 260 -6.76 11.90 2.65
C LEU A 260 -5.84 11.35 3.73
N VAL A 261 -5.84 12.01 4.89
CA VAL A 261 -5.06 11.54 6.04
C VAL A 261 -6.02 10.77 6.95
N LEU A 262 -5.81 9.45 7.03
CA LEU A 262 -6.73 8.56 7.74
C LEU A 262 -6.49 8.55 9.25
N PRO A 263 -7.36 7.84 9.99
CA PRO A 263 -7.09 7.68 11.42
C PRO A 263 -5.91 6.74 11.63
N PRO A 264 -5.42 6.67 12.88
CA PRO A 264 -4.12 6.00 13.04
C PRO A 264 -4.07 4.51 12.77
N SER A 265 -5.22 3.84 12.73
CA SER A 265 -5.23 2.40 12.48
C SER A 265 -5.09 2.08 10.98
N PHE A 266 -5.00 3.09 10.12
CA PHE A 266 -4.81 2.78 8.70
C PHE A 266 -3.60 1.85 8.56
N PRO A 267 -3.75 0.72 7.86
CA PRO A 267 -2.73 -0.33 8.03
C PRO A 267 -1.43 -0.17 7.23
N TYR A 268 -1.37 0.81 6.34
CA TYR A 268 -0.20 1.02 5.50
C TYR A 268 0.25 2.48 5.44
N GLY A 269 1.43 2.74 4.89
CA GLY A 269 1.89 4.11 4.75
C GLY A 269 1.01 4.90 3.81
N GLY A 270 0.64 4.28 2.69
CA GLY A 270 -0.18 4.97 1.73
C GLY A 270 -0.84 3.99 0.78
N MET A 271 -1.92 4.44 0.16
CA MET A 271 -2.56 3.67 -0.88
C MET A 271 -2.90 4.62 -2.01
N GLU A 272 -2.49 4.24 -3.21
CA GLU A 272 -2.51 5.12 -4.37
C GLU A 272 -3.92 5.20 -5.02
N ASN A 273 -4.96 5.36 -4.22
CA ASN A 273 -6.31 5.37 -4.80
C ASN A 273 -6.45 6.51 -5.79
N PRO A 274 -6.95 6.23 -6.99
CA PRO A 274 -6.95 7.29 -8.00
C PRO A 274 -7.83 8.48 -7.57
N CYS A 275 -7.31 9.69 -7.82
CA CYS A 275 -7.93 10.97 -7.45
C CYS A 275 -7.85 11.29 -5.98
N LEU A 276 -7.56 10.31 -5.13
CA LEU A 276 -7.56 10.50 -3.67
C LEU A 276 -6.59 9.51 -3.00
N THR A 277 -5.33 9.89 -2.94
CA THR A 277 -4.34 9.05 -2.20
C THR A 277 -4.73 9.01 -0.71
N PHE A 278 -4.64 7.82 -0.11
CA PHE A 278 -4.84 7.62 1.33
C PHE A 278 -3.48 7.55 2.00
N VAL A 279 -3.31 8.27 3.10
CA VAL A 279 -2.05 8.10 3.87
C VAL A 279 -2.25 7.94 5.37
N THR A 280 -1.27 7.30 6.00
CA THR A 280 -1.19 7.20 7.46
C THR A 280 -0.88 8.56 8.11
N PRO A 281 -1.48 8.80 9.29
CA PRO A 281 -1.14 10.04 10.03
C PRO A 281 0.24 9.95 10.67
N THR A 282 0.85 8.77 10.64
CA THR A 282 2.26 8.65 11.06
C THR A 282 3.22 9.41 10.15
N LEU A 283 2.72 9.94 9.02
CA LEU A 283 3.60 10.81 8.23
C LEU A 283 3.72 12.22 8.80
N LEU A 284 2.88 12.56 9.78
CA LEU A 284 2.85 13.94 10.27
C LEU A 284 3.98 14.25 11.23
N ALA A 285 5.19 14.29 10.70
CA ALA A 285 6.40 14.48 11.51
C ALA A 285 6.61 15.92 11.92
N GLY A 286 5.94 16.84 11.25
CA GLY A 286 6.06 18.28 11.51
C GLY A 286 7.09 19.03 10.68
N ASP A 287 7.89 18.28 9.91
CA ASP A 287 9.00 18.85 9.13
C ASP A 287 9.07 18.40 7.68
N LYS A 288 8.01 17.74 7.21
CA LYS A 288 7.91 17.24 5.83
C LYS A 288 8.92 16.12 5.50
N SER A 289 9.59 15.57 6.51
CA SER A 289 10.69 14.63 6.26
C SER A 289 10.24 13.26 5.75
N LEU A 290 8.95 12.97 5.88
CA LEU A 290 8.44 11.66 5.41
C LEU A 290 7.70 11.76 4.06
N SER A 291 8.01 12.83 3.34
CA SER A 291 7.28 13.16 2.10
C SER A 291 7.59 12.20 0.96
N ASN A 292 8.61 11.35 1.09
CA ASN A 292 8.86 10.37 0.04
C ASN A 292 7.64 9.45 -0.13
N VAL A 293 6.88 9.25 0.94
CA VAL A 293 5.67 8.40 0.81
C VAL A 293 4.68 9.06 -0.18
N ILE A 294 4.56 10.38 -0.12
CA ILE A 294 3.68 11.07 -1.08
C ILE A 294 4.28 10.98 -2.48
N ALA A 295 5.61 11.10 -2.60
CA ALA A 295 6.23 10.92 -3.90
C ALA A 295 5.91 9.53 -4.50
N HIS A 296 5.92 8.53 -3.64
CA HIS A 296 5.58 7.15 -4.01
C HIS A 296 4.13 7.06 -4.51
N GLU A 297 3.22 7.57 -3.71
CA GLU A 297 1.80 7.46 -4.11
C GLU A 297 1.55 8.25 -5.39
N ILE A 298 2.17 9.43 -5.52
CA ILE A 298 2.02 10.21 -6.78
C ILE A 298 2.50 9.37 -7.94
N SER A 299 3.67 8.73 -7.79
CA SER A 299 4.27 7.97 -8.88
C SER A 299 3.35 6.83 -9.36
N HIS A 300 2.55 6.25 -8.46
CA HIS A 300 1.61 5.15 -8.82
C HIS A 300 0.58 5.63 -9.84
N SER A 301 0.45 6.96 -9.99
CA SER A 301 -0.53 7.49 -10.97
C SER A 301 -0.13 7.10 -12.39
N TRP A 302 1.10 6.62 -12.55
CA TRP A 302 1.60 6.10 -13.83
C TRP A 302 1.89 4.62 -13.66
N THR A 303 2.79 4.30 -12.73
CA THR A 303 3.21 2.91 -12.57
C THR A 303 2.39 2.20 -11.52
N GLY A 304 1.37 1.46 -11.95
CA GLY A 304 0.44 0.82 -11.05
C GLY A 304 -0.96 1.15 -11.54
N ASN A 305 -1.27 2.44 -11.64
CA ASN A 305 -2.65 2.82 -11.93
C ASN A 305 -2.94 2.94 -13.42
N LEU A 306 -1.90 3.29 -14.20
CA LEU A 306 -2.02 3.33 -15.67
C LEU A 306 -1.52 2.03 -16.29
N VAL A 307 -0.26 1.67 -15.98
CA VAL A 307 0.27 0.36 -16.31
C VAL A 307 0.12 -0.50 -15.06
N THR A 308 -0.58 -1.62 -15.18
CA THR A 308 -0.97 -2.42 -13.99
C THR A 308 -0.47 -3.86 -14.07
N ASN A 309 -0.05 -4.41 -12.94
CA ASN A 309 0.28 -5.84 -12.94
C ASN A 309 -0.93 -6.72 -13.34
N LYS A 310 -0.69 -7.69 -14.23
CA LYS A 310 -1.80 -8.53 -14.69
C LYS A 310 -2.30 -9.49 -13.63
N THR A 311 -1.38 -10.00 -12.82
CA THR A 311 -1.75 -10.79 -11.66
C THR A 311 -0.80 -10.39 -10.53
N TRP A 312 -1.12 -10.85 -9.32
CA TRP A 312 -0.30 -10.43 -8.19
C TRP A 312 1.09 -11.07 -8.20
N ASP A 313 1.29 -12.13 -9.00
CA ASP A 313 2.62 -12.69 -9.15
C ASP A 313 3.61 -11.66 -9.66
N HIS A 314 3.10 -10.66 -10.40
CA HIS A 314 3.91 -9.64 -11.08
C HIS A 314 3.87 -8.28 -10.36
N PHE A 315 3.50 -8.32 -9.07
CA PHE A 315 3.43 -7.11 -8.22
C PHE A 315 4.69 -6.25 -8.26
N TRP A 316 5.87 -6.85 -8.42
CA TRP A 316 7.09 -6.03 -8.50
C TRP A 316 7.04 -5.00 -9.63
N LEU A 317 6.28 -5.27 -10.69
CA LEU A 317 6.20 -4.27 -11.76
C LEU A 317 5.61 -2.97 -11.22
N ASN A 318 4.54 -3.10 -10.44
CA ASN A 318 3.92 -1.93 -9.78
C ASN A 318 4.94 -1.26 -8.88
N GLU A 319 5.60 -2.04 -8.03
CA GLU A 319 6.35 -1.38 -6.94
C GLU A 319 7.78 -0.99 -7.31
N GLY A 320 8.47 -1.85 -8.05
CA GLY A 320 9.85 -1.52 -8.41
C GLY A 320 9.90 -0.21 -9.21
N HIS A 321 9.00 -0.07 -10.19
CA HIS A 321 9.01 1.12 -11.04
C HIS A 321 8.54 2.34 -10.24
N THR A 322 7.60 2.12 -9.32
CA THR A 322 7.13 3.23 -8.49
C THR A 322 8.23 3.73 -7.55
N VAL A 323 8.96 2.81 -6.91
CA VAL A 323 10.10 3.23 -6.08
C VAL A 323 11.18 3.93 -6.91
N TYR A 324 11.41 3.42 -8.12
CA TYR A 324 12.35 4.07 -9.03
C TYR A 324 11.94 5.52 -9.33
N LEU A 325 10.65 5.74 -9.64
CA LEU A 325 10.20 7.10 -9.90
C LEU A 325 10.23 7.96 -8.62
N GLU A 326 9.77 7.38 -7.50
CA GLU A 326 9.81 8.03 -6.19
C GLU A 326 11.21 8.60 -5.95
N ARG A 327 12.22 7.77 -6.12
CA ARG A 327 13.57 8.21 -5.81
C ARG A 327 14.12 9.23 -6.80
N HIS A 328 13.63 9.23 -8.03
CA HIS A 328 13.96 10.34 -8.95
C HIS A 328 13.30 11.65 -8.53
N ILE A 329 12.07 11.57 -8.02
CA ILE A 329 11.43 12.77 -7.52
C ILE A 329 12.26 13.32 -6.37
N CYS A 330 12.65 12.45 -5.45
CA CYS A 330 13.46 12.90 -4.30
C CYS A 330 14.79 13.48 -4.78
N GLY A 331 15.38 12.86 -5.79
CA GLY A 331 16.67 13.33 -6.32
C GLY A 331 16.53 14.68 -7.02
N ARG A 332 15.42 14.90 -7.71
CA ARG A 332 15.22 16.20 -8.36
C ARG A 332 15.07 17.30 -7.31
N LEU A 333 14.37 17.00 -6.21
CA LEU A 333 14.13 18.01 -5.17
C LEU A 333 15.35 18.27 -4.32
N PHE A 334 16.08 17.21 -3.99
CA PHE A 334 17.10 17.31 -2.92
C PHE A 334 18.48 16.91 -3.36
N GLY A 335 18.59 16.46 -4.60
CA GLY A 335 19.87 16.17 -5.22
C GLY A 335 20.21 14.71 -5.43
N GLU A 336 21.12 14.46 -6.36
CA GLU A 336 21.48 13.08 -6.76
C GLU A 336 22.14 12.30 -5.62
N LYS A 337 22.96 12.97 -4.81
CA LYS A 337 23.52 12.28 -3.62
C LYS A 337 22.42 11.76 -2.68
N PHE A 338 21.33 12.51 -2.55
CA PHE A 338 20.20 12.08 -1.72
C PHE A 338 19.51 10.87 -2.40
N ARG A 339 19.36 10.91 -3.72
CA ARG A 339 18.79 9.73 -4.39
C ARG A 339 19.61 8.49 -4.06
N HIS A 340 20.93 8.62 -4.16
CA HIS A 340 21.80 7.49 -3.85
C HIS A 340 21.69 7.05 -2.38
N PHE A 341 21.60 8.03 -1.48
CA PHE A 341 21.43 7.71 -0.05
C PHE A 341 20.18 6.84 0.16
N ASN A 342 19.07 7.26 -0.46
CA ASN A 342 17.83 6.49 -0.28
C ASN A 342 17.91 5.15 -0.98
N ALA A 343 18.54 5.13 -2.16
CA ALA A 343 18.74 3.87 -2.88
C ALA A 343 19.53 2.88 -2.02
N LEU A 344 20.60 3.37 -1.37
CA LEU A 344 21.44 2.47 -0.58
C LEU A 344 20.70 2.00 0.66
N GLY A 345 19.91 2.88 1.26
CA GLY A 345 19.07 2.50 2.40
C GLY A 345 18.09 1.41 2.03
N GLY A 346 17.55 1.49 0.82
CA GLY A 346 16.61 0.46 0.35
C GLY A 346 17.30 -0.90 0.20
N TRP A 347 18.56 -0.90 -0.25
CA TRP A 347 19.30 -2.17 -0.27
C TRP A 347 19.42 -2.72 1.13
N GLY A 348 19.68 -1.84 2.10
CA GLY A 348 19.70 -2.26 3.50
C GLY A 348 18.40 -2.92 3.92
N GLU A 349 17.27 -2.34 3.52
CA GLU A 349 15.95 -2.90 3.87
C GLU A 349 15.74 -4.26 3.20
N LEU A 350 16.26 -4.39 1.99
CA LEU A 350 16.21 -5.66 1.28
C LEU A 350 17.03 -6.71 2.02
N GLN A 351 18.21 -6.32 2.49
CA GLN A 351 19.04 -7.25 3.29
C GLN A 351 18.23 -7.75 4.47
N ASN A 352 17.55 -6.82 5.15
CA ASN A 352 16.76 -7.18 6.31
C ASN A 352 15.68 -8.19 5.98
N SER A 353 14.95 -7.94 4.89
CA SER A 353 13.82 -8.79 4.51
C SER A 353 14.30 -10.20 4.18
N VAL A 354 15.43 -10.27 3.46
CA VAL A 354 15.97 -11.56 3.03
C VAL A 354 16.44 -12.35 4.26
N LYS A 355 17.06 -11.66 5.21
CA LYS A 355 17.53 -12.32 6.43
C LYS A 355 16.35 -12.81 7.25
N THR A 356 15.30 -12.00 7.33
CA THR A 356 14.06 -12.36 8.02
C THR A 356 13.40 -13.63 7.47
N PHE A 357 13.16 -13.65 6.16
CA PHE A 357 12.49 -14.79 5.52
C PHE A 357 13.43 -15.99 5.37
N GLY A 358 14.70 -15.72 5.14
CA GLY A 358 15.68 -16.75 4.79
C GLY A 358 16.06 -16.63 3.32
N GLU A 359 17.34 -16.83 3.02
CA GLU A 359 17.88 -16.58 1.69
C GLU A 359 17.38 -17.55 0.59
N THR A 360 16.69 -18.62 0.99
CA THR A 360 16.10 -19.53 0.01
C THR A 360 14.58 -19.48 0.00
N HIS A 361 13.99 -18.55 0.74
CA HIS A 361 12.55 -18.49 0.89
C HIS A 361 11.87 -18.04 -0.41
N PRO A 362 10.77 -18.71 -0.81
CA PRO A 362 10.07 -18.32 -2.05
C PRO A 362 9.55 -16.87 -2.07
N PHE A 363 9.32 -16.28 -0.90
CA PHE A 363 8.82 -14.89 -0.85
C PHE A 363 9.96 -13.88 -1.01
N THR A 364 11.18 -14.35 -1.28
CA THR A 364 12.28 -13.44 -1.59
C THR A 364 12.60 -13.42 -3.08
N LYS A 365 11.85 -14.19 -3.87
CA LYS A 365 11.95 -14.12 -5.31
C LYS A 365 11.31 -12.81 -5.78
N LEU A 366 11.71 -12.31 -6.94
CA LEU A 366 11.11 -11.07 -7.48
C LEU A 366 9.76 -11.34 -8.09
N VAL A 367 9.68 -12.44 -8.84
CA VAL A 367 8.40 -12.92 -9.39
C VAL A 367 7.99 -14.12 -8.54
N VAL A 368 6.81 -14.06 -7.96
CA VAL A 368 6.39 -15.10 -7.03
C VAL A 368 5.25 -15.95 -7.58
N ASP A 369 4.94 -17.06 -6.90
CA ASP A 369 3.81 -17.88 -7.27
C ASP A 369 2.88 -17.94 -6.08
N LEU A 370 1.77 -17.20 -6.16
CA LEU A 370 0.85 -17.07 -5.07
C LEU A 370 -0.28 -18.10 -5.08
N THR A 371 -0.10 -19.18 -5.83
CA THR A 371 -1.04 -20.30 -5.78
C THR A 371 -1.17 -20.79 -4.33
N ASP A 372 -2.38 -20.76 -3.82
CA ASP A 372 -2.65 -21.18 -2.44
C ASP A 372 -1.86 -20.40 -1.36
N ILE A 373 -1.41 -19.19 -1.69
CA ILE A 373 -0.79 -18.28 -0.71
C ILE A 373 -1.71 -17.06 -0.51
N ASP A 374 -2.04 -16.72 0.75
CA ASP A 374 -2.76 -15.45 1.04
C ASP A 374 -1.85 -14.26 0.65
N PRO A 375 -2.29 -13.42 -0.29
CA PRO A 375 -1.46 -12.31 -0.71
C PRO A 375 -0.95 -11.48 0.49
N ASP A 376 -1.76 -11.32 1.52
CA ASP A 376 -1.37 -10.45 2.64
C ASP A 376 -0.21 -11.05 3.44
N VAL A 377 -0.03 -12.36 3.34
CA VAL A 377 1.06 -13.03 4.03
C VAL A 377 2.39 -12.90 3.28
N ALA A 378 2.32 -12.79 1.94
CA ALA A 378 3.51 -12.64 1.13
C ALA A 378 4.04 -11.21 1.14
N TYR A 379 3.16 -10.25 1.49
CA TYR A 379 3.53 -8.85 1.39
C TYR A 379 4.78 -8.48 2.22
N SER A 380 5.69 -7.73 1.59
CA SER A 380 6.94 -7.26 2.26
C SER A 380 7.63 -6.24 1.39
N SER A 381 8.80 -5.80 1.86
CA SER A 381 9.63 -4.88 1.08
C SER A 381 10.27 -5.50 -0.16
N VAL A 382 10.18 -6.83 -0.31
CA VAL A 382 10.94 -7.45 -1.38
C VAL A 382 10.57 -6.90 -2.79
N PRO A 383 9.27 -6.88 -3.13
CA PRO A 383 8.98 -6.38 -4.46
C PRO A 383 9.40 -4.91 -4.69
N TYR A 384 9.34 -4.12 -3.63
CA TYR A 384 9.75 -2.73 -3.66
C TYR A 384 11.24 -2.62 -3.92
N GLU A 385 12.02 -3.29 -3.07
CA GLU A 385 13.47 -3.06 -3.07
C GLU A 385 14.25 -4.00 -3.99
N LYS A 386 13.81 -5.25 -4.15
CA LYS A 386 14.46 -6.05 -5.16
C LYS A 386 14.10 -5.53 -6.56
N GLY A 387 12.84 -5.09 -6.71
CA GLY A 387 12.44 -4.45 -7.95
C GLY A 387 13.25 -3.18 -8.24
N PHE A 388 13.36 -2.31 -7.24
CA PHE A 388 14.12 -1.11 -7.44
C PHE A 388 15.57 -1.45 -7.80
N ALA A 389 16.17 -2.39 -7.08
CA ALA A 389 17.57 -2.74 -7.33
C ALA A 389 17.80 -3.20 -8.77
N LEU A 390 16.86 -4.00 -9.29
CA LEU A 390 16.98 -4.42 -10.69
C LEU A 390 16.98 -3.22 -11.64
N LEU A 391 16.05 -2.28 -11.41
CA LEU A 391 15.98 -1.11 -12.30
C LEU A 391 17.21 -0.19 -12.17
N PHE A 392 17.71 -0.05 -10.95
CA PHE A 392 18.90 0.77 -10.70
C PHE A 392 20.13 0.11 -11.33
N TYR A 393 20.24 -1.20 -11.19
CA TYR A 393 21.30 -1.96 -11.90
C TYR A 393 21.20 -1.75 -13.42
N LEU A 394 19.99 -1.85 -13.96
CA LEU A 394 19.80 -1.66 -15.41
C LEU A 394 20.14 -0.22 -15.83
N GLU A 395 19.73 0.77 -15.02
CA GLU A 395 20.10 2.16 -15.25
C GLU A 395 21.63 2.29 -15.41
N GLN A 396 22.36 1.67 -14.49
CA GLN A 396 23.82 1.77 -14.52
C GLN A 396 24.42 1.04 -15.73
N LEU A 397 23.89 -0.14 -16.05
CA LEU A 397 24.31 -0.91 -17.23
C LEU A 397 24.06 -0.21 -18.57
N LEU A 398 22.93 0.48 -18.65
CA LEU A 398 22.43 1.03 -19.93
C LEU A 398 22.80 2.48 -20.24
N GLY A 399 23.55 3.13 -19.35
CA GLY A 399 24.09 4.44 -19.69
C GLY A 399 23.63 5.58 -18.83
N GLY A 400 22.84 5.26 -17.80
CA GLY A 400 22.56 6.22 -16.74
C GLY A 400 21.11 6.65 -16.62
N PRO A 401 20.83 7.56 -15.67
CA PRO A 401 19.44 7.92 -15.37
C PRO A 401 18.69 8.61 -16.50
N GLU A 402 19.32 9.52 -17.25
CA GLU A 402 18.59 10.16 -18.35
C GLU A 402 18.14 9.15 -19.39
N ILE A 403 19.04 8.24 -19.75
CA ILE A 403 18.71 7.19 -20.71
C ILE A 403 17.60 6.29 -20.14
N PHE A 404 17.75 5.83 -18.89
CA PHE A 404 16.76 4.92 -18.34
C PHE A 404 15.39 5.58 -18.12
N LEU A 405 15.40 6.86 -17.76
CA LEU A 405 14.11 7.57 -17.66
C LEU A 405 13.39 7.66 -19.01
N GLY A 406 14.14 7.69 -20.10
CA GLY A 406 13.55 7.66 -21.45
C GLY A 406 12.80 6.34 -21.67
N PHE A 407 13.40 5.24 -21.22
CA PHE A 407 12.72 3.94 -21.21
C PHE A 407 11.44 3.97 -20.37
N LEU A 408 11.56 4.46 -19.14
CA LEU A 408 10.42 4.54 -18.22
C LEU A 408 9.21 5.25 -18.85
N LYS A 409 9.46 6.41 -19.44
CA LYS A 409 8.36 7.18 -20.04
C LYS A 409 7.75 6.41 -21.22
N ALA A 410 8.60 5.78 -22.01
CA ALA A 410 8.12 5.03 -23.19
C ALA A 410 7.35 3.79 -22.78
N TYR A 411 7.78 3.20 -21.66
CA TYR A 411 7.10 2.03 -21.08
C TYR A 411 5.70 2.41 -20.59
N VAL A 412 5.60 3.53 -19.88
CA VAL A 412 4.30 4.00 -19.43
C VAL A 412 3.39 4.29 -20.63
N GLU A 413 3.92 4.91 -21.67
CA GLU A 413 3.12 5.22 -22.86
C GLU A 413 2.61 3.92 -23.51
N LYS A 414 3.52 2.97 -23.68
CA LYS A 414 3.22 1.72 -24.36
C LYS A 414 2.09 0.96 -23.65
N PHE A 415 2.14 0.89 -22.33
CA PHE A 415 1.22 0.01 -21.63
C PHE A 415 0.12 0.73 -20.82
N SER A 416 -0.06 2.03 -21.07
CA SER A 416 -1.12 2.77 -20.42
C SER A 416 -2.48 2.10 -20.64
N TYR A 417 -3.27 2.00 -19.57
CA TYR A 417 -4.61 1.41 -19.59
C TYR A 417 -4.60 -0.09 -19.78
N LYS A 418 -3.44 -0.70 -19.61
CA LYS A 418 -3.33 -2.14 -19.77
C LYS A 418 -2.81 -2.82 -18.52
N SER A 419 -2.92 -4.13 -18.52
CA SER A 419 -2.39 -4.99 -17.44
C SER A 419 -1.39 -5.97 -18.05
N ILE A 420 -0.23 -6.08 -17.41
CA ILE A 420 0.90 -6.74 -18.09
C ILE A 420 1.67 -7.67 -17.15
N THR A 421 2.47 -8.54 -17.77
CA THR A 421 3.30 -9.48 -17.02
C THR A 421 4.78 -9.10 -17.09
N THR A 422 5.61 -9.81 -16.34
CA THR A 422 7.04 -9.55 -16.32
C THR A 422 7.60 -9.78 -17.74
N ASP A 423 7.09 -10.79 -18.45
CA ASP A 423 7.58 -11.02 -19.81
C ASP A 423 7.21 -9.89 -20.76
N ASP A 424 6.02 -9.31 -20.59
CA ASP A 424 5.66 -8.12 -21.37
C ASP A 424 6.67 -6.99 -21.15
N TRP A 425 7.00 -6.73 -19.88
CA TRP A 425 8.00 -5.72 -19.53
C TRP A 425 9.36 -6.02 -20.15
N LYS A 426 9.81 -7.28 -20.06
CA LYS A 426 11.14 -7.65 -20.51
C LYS A 426 11.23 -7.56 -22.05
N ASP A 427 10.16 -7.97 -22.70
CA ASP A 427 10.05 -7.86 -24.16
C ASP A 427 10.18 -6.40 -24.57
N PHE A 428 9.45 -5.51 -23.88
CA PHE A 428 9.55 -4.10 -24.22
C PHE A 428 10.94 -3.50 -23.92
N LEU A 429 11.53 -3.87 -22.78
CA LEU A 429 12.89 -3.46 -22.45
C LEU A 429 13.85 -3.80 -23.61
N TYR A 430 13.73 -5.04 -24.10
CA TYR A 430 14.56 -5.49 -25.25
C TYR A 430 14.28 -4.75 -26.57
N SER A 431 13.02 -4.38 -26.77
CA SER A 431 12.63 -3.61 -27.95
C SER A 431 13.15 -2.18 -27.87
N TYR A 432 12.96 -1.55 -26.72
CA TYR A 432 13.43 -0.18 -26.53
C TYR A 432 14.96 -0.08 -26.66
N PHE A 433 15.67 -1.01 -26.02
CA PHE A 433 17.11 -1.00 -25.97
C PHE A 433 17.71 -1.98 -26.97
N LYS A 434 17.09 -2.09 -28.15
CA LYS A 434 17.53 -3.12 -29.10
C LYS A 434 19.00 -2.94 -29.51
N ASP A 435 19.47 -1.69 -29.50
CA ASP A 435 20.89 -1.42 -29.83
C ASP A 435 21.86 -1.70 -28.68
N LYS A 436 21.31 -2.10 -27.53
CA LYS A 436 22.13 -2.51 -26.39
C LYS A 436 21.78 -3.93 -25.92
N VAL A 437 21.28 -4.75 -26.84
CA VAL A 437 20.89 -6.12 -26.50
C VAL A 437 22.08 -6.91 -25.97
N ASP A 438 23.28 -6.59 -26.46
CA ASP A 438 24.46 -7.28 -25.95
C ASP A 438 24.63 -7.06 -24.44
N VAL A 439 24.41 -5.81 -24.00
CA VAL A 439 24.46 -5.45 -22.60
C VAL A 439 23.34 -6.13 -21.81
N LEU A 440 22.12 -6.11 -22.34
CA LEU A 440 20.97 -6.78 -21.70
C LEU A 440 21.18 -8.27 -21.53
N ASN A 441 21.84 -8.90 -22.49
CA ASN A 441 22.11 -10.33 -22.39
C ASN A 441 23.17 -10.67 -21.34
N GLN A 442 23.91 -9.68 -20.87
CA GLN A 442 24.82 -9.85 -19.73
C GLN A 442 24.12 -10.00 -18.37
N VAL A 443 22.85 -9.62 -18.30
CA VAL A 443 22.07 -9.78 -17.06
C VAL A 443 21.70 -11.24 -16.78
N ASP A 444 21.82 -11.66 -15.52
CA ASP A 444 21.42 -13.02 -15.15
C ASP A 444 19.95 -12.97 -14.87
N TRP A 445 19.15 -13.01 -15.93
CA TRP A 445 17.70 -12.86 -15.79
C TRP A 445 17.09 -13.94 -14.91
N ASN A 446 17.53 -15.19 -15.07
CA ASN A 446 16.95 -16.22 -14.23
C ASN A 446 17.16 -15.97 -12.74
N ALA A 447 18.35 -15.48 -12.37
CA ALA A 447 18.63 -15.20 -10.96
C ALA A 447 17.81 -13.99 -10.49
N TRP A 448 17.90 -12.89 -11.25
CA TRP A 448 17.21 -11.65 -10.86
C TRP A 448 15.70 -11.87 -10.70
N LEU A 449 15.07 -12.52 -11.67
CA LEU A 449 13.60 -12.66 -11.62
C LEU A 449 13.08 -13.82 -10.81
N TYR A 450 13.81 -14.94 -10.80
CA TYR A 450 13.22 -16.20 -10.32
C TYR A 450 13.93 -16.88 -9.15
N SER A 451 15.10 -16.38 -8.77
CA SER A 451 15.85 -17.01 -7.67
C SER A 451 15.63 -16.27 -6.36
N PRO A 452 15.60 -17.01 -5.24
CA PRO A 452 15.48 -16.37 -3.95
C PRO A 452 16.75 -15.67 -3.50
N GLY A 453 16.64 -14.88 -2.43
CA GLY A 453 17.81 -14.26 -1.82
C GLY A 453 18.19 -12.88 -2.34
N LEU A 454 19.35 -12.37 -1.91
CA LEU A 454 19.84 -11.10 -2.47
C LEU A 454 20.14 -11.30 -3.96
N PRO A 455 20.01 -10.22 -4.76
CA PRO A 455 20.35 -10.29 -6.19
C PRO A 455 21.79 -10.73 -6.43
N PRO A 456 22.07 -11.21 -7.65
CA PRO A 456 23.43 -11.68 -7.93
C PRO A 456 24.46 -10.55 -8.04
N ILE A 457 23.99 -9.33 -8.21
CA ILE A 457 24.84 -8.15 -8.40
C ILE A 457 24.31 -7.01 -7.55
N LYS A 458 25.19 -6.31 -6.83
CA LYS A 458 24.79 -5.11 -6.11
C LYS A 458 25.18 -3.89 -6.95
N PRO A 459 24.24 -2.95 -7.16
CA PRO A 459 24.55 -1.73 -7.89
C PRO A 459 25.63 -0.90 -7.20
N ASN A 460 26.16 0.09 -7.92
CA ASN A 460 27.09 1.08 -7.37
C ASN A 460 26.32 2.21 -6.69
N TYR A 461 26.67 2.54 -5.46
CA TYR A 461 25.99 3.61 -4.73
C TYR A 461 26.98 4.67 -4.26
N ASP A 462 26.70 5.94 -4.54
CA ASP A 462 27.40 7.04 -3.90
C ASP A 462 27.21 6.93 -2.39
N MET A 463 28.28 7.14 -1.62
CA MET A 463 28.22 6.90 -0.19
C MET A 463 28.30 8.16 0.61
N THR A 464 28.34 9.32 -0.06
CA THR A 464 28.60 10.59 0.60
C THR A 464 27.78 10.84 1.87
N LEU A 465 26.45 10.72 1.77
CA LEU A 465 25.58 10.99 2.90
C LEU A 465 25.50 9.82 3.90
N THR A 466 25.92 8.64 3.45
CA THR A 466 25.84 7.46 4.30
C THR A 466 27.06 7.32 5.20
N ASN A 467 28.20 7.85 4.74
CA ASN A 467 29.46 7.62 5.47
C ASN A 467 29.39 7.96 6.97
N ALA A 468 28.82 9.12 7.30
CA ALA A 468 28.76 9.56 8.70
C ALA A 468 27.85 8.65 9.54
N CYS A 469 26.81 8.10 8.92
CA CYS A 469 25.93 7.18 9.62
C CYS A 469 26.65 5.89 9.96
N ILE A 470 27.37 5.35 8.98
CA ILE A 470 28.14 4.11 9.20
C ILE A 470 29.23 4.34 10.24
N ALA A 471 29.96 5.43 10.11
CA ALA A 471 31.03 5.72 11.07
C ALA A 471 30.51 5.81 12.51
N LEU A 472 29.39 6.50 12.72
CA LEU A 472 28.84 6.61 14.09
C LEU A 472 28.33 5.27 14.61
N SER A 473 27.67 4.52 13.72
CA SER A 473 27.17 3.22 14.11
C SER A 473 28.33 2.32 14.52
N GLN A 474 29.40 2.34 13.75
CA GLN A 474 30.57 1.51 14.04
C GLN A 474 31.23 1.95 15.35
N ARG A 475 31.27 3.25 15.63
CA ARG A 475 31.76 3.68 16.95
C ARG A 475 31.03 3.03 18.11
N TRP A 476 29.69 2.99 18.01
CA TRP A 476 28.88 2.42 19.07
C TRP A 476 29.09 0.91 19.16
N ILE A 477 29.12 0.22 18.02
CA ILE A 477 29.20 -1.24 18.04
C ILE A 477 30.53 -1.69 18.63
N THR A 478 31.59 -0.95 18.30
CA THR A 478 32.95 -1.35 18.73
C THR A 478 33.31 -0.76 20.11
N ALA A 479 32.50 0.15 20.60
CA ALA A 479 32.76 0.81 21.91
C ALA A 479 32.74 -0.24 23.03
N LYS A 480 33.68 -0.10 23.95
CA LYS A 480 33.62 -0.82 25.22
C LYS A 480 33.13 0.14 26.31
N GLU A 481 32.94 -0.36 27.52
CA GLU A 481 32.36 0.49 28.57
C GLU A 481 33.14 1.78 28.74
N ASP A 482 34.47 1.68 28.71
CA ASP A 482 35.30 2.89 28.93
C ASP A 482 35.27 3.93 27.80
N ASP A 483 34.61 3.56 26.69
CA ASP A 483 34.44 4.47 25.55
C ASP A 483 33.11 5.22 25.58
N LEU A 484 32.20 4.78 26.43
CA LEU A 484 30.85 5.36 26.45
C LEU A 484 30.88 6.84 26.82
N ASN A 485 31.82 7.23 27.67
CA ASN A 485 31.91 8.64 28.09
C ASN A 485 32.16 9.57 26.91
N SER A 486 32.78 9.06 25.85
CA SER A 486 33.23 9.86 24.72
C SER A 486 32.05 10.33 23.86
N PHE A 487 30.93 9.63 23.96
CA PHE A 487 29.76 10.05 23.17
C PHE A 487 29.08 11.28 23.77
N ASN A 488 28.50 12.10 22.90
CA ASN A 488 27.95 13.38 23.31
C ASN A 488 26.94 13.83 22.27
N ALA A 489 25.99 14.66 22.67
CA ALA A 489 24.96 15.19 21.76
C ALA A 489 25.56 15.85 20.50
N THR A 490 26.81 16.34 20.58
CA THR A 490 27.46 16.95 19.40
C THR A 490 27.71 15.95 18.27
N ASP A 491 27.69 14.65 18.59
CA ASP A 491 27.87 13.62 17.60
C ASP A 491 26.81 13.75 16.49
N LEU A 492 25.67 14.33 16.84
CA LEU A 492 24.53 14.35 15.92
C LEU A 492 24.36 15.69 15.22
N LYS A 493 25.23 16.65 15.53
CA LYS A 493 24.90 18.02 15.17
C LYS A 493 24.85 18.24 13.64
N ASP A 494 25.58 17.45 12.86
CA ASP A 494 25.54 17.60 11.40
C ASP A 494 24.72 16.52 10.69
N LEU A 495 23.88 15.82 11.43
CA LEU A 495 23.09 14.74 10.82
C LEU A 495 21.66 15.20 10.60
N SER A 496 21.12 14.98 9.41
CA SER A 496 19.71 15.25 9.18
C SER A 496 18.86 14.14 9.82
N SER A 497 17.55 14.36 9.88
CA SER A 497 16.66 13.32 10.40
C SER A 497 16.87 12.01 9.61
N HIS A 498 17.09 12.13 8.30
CA HIS A 498 17.29 10.97 7.43
C HIS A 498 18.52 10.22 7.85
N GLN A 499 19.55 10.97 8.19
CA GLN A 499 20.80 10.35 8.61
C GLN A 499 20.68 9.76 10.01
N LEU A 500 19.93 10.41 10.90
CA LEU A 500 19.69 9.81 12.22
C LEU A 500 19.00 8.47 12.05
N ASN A 501 17.97 8.43 11.20
CA ASN A 501 17.27 7.19 10.92
C ASN A 501 18.19 6.09 10.36
N GLU A 502 19.10 6.47 9.45
CA GLU A 502 20.02 5.51 8.87
C GLU A 502 21.07 5.01 9.88
N PHE A 503 21.50 5.90 10.78
CA PHE A 503 22.38 5.48 11.87
C PHE A 503 21.70 4.41 12.73
N LEU A 504 20.42 4.61 13.01
CA LEU A 504 19.67 3.60 13.78
C LEU A 504 19.48 2.35 12.99
N ALA A 505 19.19 2.47 11.70
CA ALA A 505 19.01 1.25 10.87
C ALA A 505 20.30 0.41 10.81
N GLN A 506 21.43 1.09 10.64
CA GLN A 506 22.72 0.41 10.64
C GLN A 506 22.94 -0.31 11.97
N THR A 507 22.63 0.38 13.05
CA THR A 507 22.94 -0.17 14.37
C THR A 507 21.98 -1.34 14.66
N LEU A 508 20.72 -1.18 14.28
CA LEU A 508 19.73 -2.22 14.48
C LEU A 508 20.13 -3.52 13.75
N GLN A 509 20.82 -3.39 12.62
CA GLN A 509 21.31 -4.57 11.86
C GLN A 509 22.28 -5.42 12.69
N ARG A 510 22.87 -4.82 13.73
CA ARG A 510 23.82 -5.54 14.62
C ARG A 510 23.23 -5.80 16.03
N ALA A 511 21.94 -5.54 16.22
CA ALA A 511 21.35 -5.69 17.55
C ALA A 511 21.26 -7.16 17.91
N PRO A 512 21.32 -7.49 19.21
CA PRO A 512 21.40 -6.53 20.33
C PRO A 512 22.78 -5.90 20.52
N LEU A 513 22.78 -4.67 21.08
CA LEU A 513 23.96 -4.08 21.68
C LEU A 513 23.87 -4.24 23.20
N PRO A 514 24.97 -4.07 23.92
CA PRO A 514 24.90 -4.17 25.38
C PRO A 514 23.91 -3.16 25.95
N LEU A 515 23.21 -3.56 27.01
CA LEU A 515 22.20 -2.68 27.60
C LEU A 515 22.81 -1.34 28.04
N GLY A 516 24.03 -1.35 28.56
CA GLY A 516 24.68 -0.11 28.98
C GLY A 516 24.91 0.86 27.83
N HIS A 517 25.16 0.32 26.63
CA HIS A 517 25.33 1.17 25.47
C HIS A 517 24.02 1.86 25.14
N ILE A 518 22.94 1.09 25.15
CA ILE A 518 21.65 1.66 24.80
C ILE A 518 21.23 2.72 25.84
N LYS A 519 21.48 2.45 27.11
CA LYS A 519 21.18 3.44 28.14
C LYS A 519 21.99 4.72 27.91
N ARG A 520 23.26 4.58 27.53
CA ARG A 520 24.07 5.75 27.26
C ARG A 520 23.53 6.52 26.06
N MET A 521 23.09 5.81 25.03
CA MET A 521 22.50 6.47 23.84
C MET A 521 21.34 7.37 24.27
N GLN A 522 20.47 6.88 25.15
CA GLN A 522 19.36 7.72 25.58
C GLN A 522 19.92 8.90 26.38
N GLU A 523 20.94 8.64 27.18
CA GLU A 523 21.50 9.69 28.07
C GLU A 523 21.99 10.85 27.23
N VAL A 524 22.72 10.56 26.14
CA VAL A 524 23.41 11.61 25.38
C VAL A 524 22.65 12.12 24.15
N TYR A 525 21.80 11.27 23.57
CA TYR A 525 21.07 11.66 22.35
C TYR A 525 19.59 11.94 22.58
N ASN A 526 19.05 11.46 23.71
CA ASN A 526 17.62 11.66 24.05
C ASN A 526 16.67 11.26 22.93
N PHE A 527 16.91 10.07 22.37
CA PHE A 527 16.06 9.60 21.29
C PHE A 527 14.61 9.41 21.75
N ASN A 528 14.39 9.23 23.06
CA ASN A 528 13.02 9.05 23.57
C ASN A 528 12.16 10.25 23.21
N ALA A 529 12.79 11.40 22.98
CA ALA A 529 12.03 12.65 22.74
C ALA A 529 11.64 12.82 21.29
N ILE A 530 12.14 11.96 20.42
CA ILE A 530 11.89 12.12 18.99
C ILE A 530 10.55 11.52 18.61
N ASN A 531 9.70 12.32 17.96
CA ASN A 531 8.39 11.81 17.61
C ASN A 531 8.28 11.35 16.16
N ASN A 532 9.26 11.68 15.34
CA ASN A 532 9.35 11.13 13.97
C ASN A 532 9.12 9.61 14.03
N SER A 533 8.09 9.11 13.36
CA SER A 533 7.66 7.71 13.55
C SER A 533 8.72 6.72 13.07
N GLU A 534 9.40 7.04 11.98
CA GLU A 534 10.45 6.13 11.46
C GLU A 534 11.61 6.01 12.45
N ILE A 535 12.06 7.15 12.96
CA ILE A 535 13.14 7.12 13.96
C ILE A 535 12.68 6.42 15.25
N ARG A 536 11.52 6.79 15.77
CA ARG A 536 11.08 6.21 17.03
C ARG A 536 10.94 4.70 16.89
N PHE A 537 10.39 4.27 15.77
CA PHE A 537 10.25 2.83 15.49
C PHE A 537 11.58 2.09 15.63
N ARG A 538 12.60 2.57 14.92
CA ARG A 538 13.90 1.88 14.91
C ARG A 538 14.55 1.96 16.28
N TRP A 539 14.42 3.10 16.94
CA TRP A 539 15.00 3.27 18.28
C TRP A 539 14.35 2.29 19.25
N LEU A 540 13.01 2.20 19.22
CA LEU A 540 12.33 1.30 20.17
C LEU A 540 12.66 -0.17 19.87
N ARG A 541 12.75 -0.54 18.60
CA ARG A 541 13.19 -1.90 18.27
C ARG A 541 14.59 -2.18 18.83
N LEU A 542 15.48 -1.23 18.66
CA LEU A 542 16.86 -1.38 19.17
C LEU A 542 16.83 -1.55 20.71
N CYS A 543 16.03 -0.74 21.38
CA CYS A 543 15.89 -0.84 22.86
C CYS A 543 15.35 -2.19 23.32
N ILE A 544 14.28 -2.65 22.66
CA ILE A 544 13.66 -3.92 23.04
C ILE A 544 14.58 -5.10 22.72
N GLN A 545 15.16 -5.10 21.52
CA GLN A 545 16.09 -6.17 21.16
C GLN A 545 17.30 -6.22 22.09
N SER A 546 17.66 -5.05 22.65
CA SER A 546 18.78 -4.98 23.59
C SER A 546 18.32 -5.15 25.04
N LYS A 547 17.06 -5.54 25.23
CA LYS A 547 16.56 -6.00 26.53
C LYS A 547 16.41 -4.88 27.57
N TRP A 548 16.07 -3.69 27.10
CA TRP A 548 15.81 -2.57 28.03
C TRP A 548 14.36 -2.54 28.48
N GLU A 549 14.10 -2.90 29.75
CA GLU A 549 12.73 -3.00 30.25
C GLU A 549 12.00 -1.66 30.21
N ASP A 550 12.73 -0.56 30.40
CA ASP A 550 12.12 0.77 30.41
C ASP A 550 11.41 1.03 29.09
N ALA A 551 11.86 0.37 28.03
CA ALA A 551 11.31 0.66 26.69
C ALA A 551 10.03 -0.12 26.44
N ILE A 552 9.71 -1.07 27.31
CA ILE A 552 8.51 -1.92 27.09
C ILE A 552 7.23 -1.09 26.96
N PRO A 553 6.95 -0.20 27.93
CA PRO A 553 5.69 0.55 27.82
C PRO A 553 5.70 1.48 26.60
N LEU A 554 6.87 2.00 26.23
CA LEU A 554 6.96 2.89 25.06
C LEU A 554 6.63 2.11 23.78
N ALA A 555 7.16 0.90 23.69
CA ALA A 555 6.95 0.08 22.49
C ALA A 555 5.52 -0.43 22.41
N LEU A 556 4.94 -0.79 23.53
CA LEU A 556 3.53 -1.21 23.55
C LEU A 556 2.62 -0.05 23.12
N LYS A 557 2.95 1.15 23.57
CA LYS A 557 2.15 2.32 23.25
C LYS A 557 2.19 2.58 21.75
N MET A 558 3.40 2.60 21.21
CA MET A 558 3.52 2.86 19.78
C MET A 558 2.80 1.78 18.99
N ALA A 559 2.88 0.53 19.47
CA ALA A 559 2.34 -0.59 18.68
C ALA A 559 0.81 -0.52 18.56
N THR A 560 0.19 0.08 19.58
CA THR A 560 -1.28 0.11 19.71
C THR A 560 -1.91 1.46 19.38
N GLU A 561 -1.18 2.56 19.59
CA GLU A 561 -1.76 3.90 19.37
C GLU A 561 -1.80 4.27 17.89
N GLN A 562 -1.10 3.49 17.08
CA GLN A 562 -1.23 3.55 15.63
C GLN A 562 -1.18 2.11 15.12
N GLY A 563 -1.49 1.93 13.84
CA GLY A 563 -1.66 0.60 13.31
C GLY A 563 -1.00 0.36 11.97
N ARG A 564 -0.05 1.22 11.59
CA ARG A 564 0.66 1.02 10.33
C ARG A 564 1.45 -0.26 10.50
N MET A 565 1.23 -1.21 9.60
CA MET A 565 1.83 -2.55 9.83
C MET A 565 3.35 -2.58 9.85
N LYS A 566 3.95 -1.67 9.11
CA LYS A 566 5.40 -1.52 9.05
C LYS A 566 5.97 -1.39 10.46
N PHE A 567 5.22 -0.71 11.33
CA PHE A 567 5.64 -0.46 12.71
C PHE A 567 4.99 -1.44 13.72
N THR A 568 3.68 -1.62 13.62
CA THR A 568 2.96 -2.45 14.58
C THR A 568 3.42 -3.92 14.56
N ARG A 569 3.65 -4.46 13.37
CA ARG A 569 4.03 -5.89 13.32
C ARG A 569 5.40 -6.15 13.99
N PRO A 570 6.44 -5.40 13.62
CA PRO A 570 7.74 -5.74 14.22
C PRO A 570 7.83 -5.33 15.69
N LEU A 571 7.10 -4.28 16.09
CA LEU A 571 7.10 -3.95 17.50
C LEU A 571 6.46 -5.09 18.33
N PHE A 572 5.30 -5.59 17.91
CA PHE A 572 4.71 -6.74 18.61
C PHE A 572 5.65 -7.96 18.57
N LYS A 573 6.26 -8.25 17.41
CA LYS A 573 7.19 -9.39 17.30
C LYS A 573 8.35 -9.24 18.28
N ASP A 574 8.94 -8.06 18.32
CA ASP A 574 10.07 -7.84 19.22
C ASP A 574 9.65 -7.97 20.67
N LEU A 575 8.49 -7.44 21.00
CA LEU A 575 8.00 -7.52 22.39
C LEU A 575 7.68 -8.97 22.75
N ALA A 576 7.17 -9.74 21.80
CA ALA A 576 6.91 -11.16 22.09
C ALA A 576 8.20 -11.95 22.30
N ALA A 577 9.28 -11.55 21.62
CA ALA A 577 10.56 -12.27 21.67
C ALA A 577 11.34 -11.96 22.96
N PHE A 578 11.02 -10.84 23.58
CA PHE A 578 11.68 -10.40 24.83
C PHE A 578 10.95 -11.08 25.98
N ASP A 579 11.63 -11.95 26.71
CA ASP A 579 10.91 -12.70 27.72
C ASP A 579 10.18 -11.82 28.74
N LYS A 580 10.76 -10.65 29.05
CA LYS A 580 10.18 -9.75 30.06
C LYS A 580 8.87 -9.12 29.62
N SER A 581 8.68 -8.97 28.30
CA SER A 581 7.48 -8.33 27.78
C SER A 581 6.55 -9.32 27.07
N HIS A 582 6.98 -10.56 26.90
CA HIS A 582 6.21 -11.53 26.13
C HIS A 582 4.74 -11.63 26.56
N ASP A 583 4.50 -11.86 27.85
CA ASP A 583 3.13 -12.11 28.32
C ASP A 583 2.24 -10.87 28.14
N GLN A 584 2.79 -9.70 28.47
CA GLN A 584 2.06 -8.47 28.24
C GLN A 584 1.78 -8.20 26.76
N ALA A 585 2.70 -8.58 25.89
CA ALA A 585 2.48 -8.35 24.45
C ALA A 585 1.29 -9.15 23.98
N VAL A 586 1.24 -10.42 24.37
CA VAL A 586 0.13 -11.29 24.00
C VAL A 586 -1.19 -10.79 24.60
N ARG A 587 -1.18 -10.40 25.88
CA ARG A 587 -2.41 -9.86 26.49
C ARG A 587 -2.88 -8.60 25.78
N THR A 588 -1.94 -7.73 25.45
CA THR A 588 -2.26 -6.49 24.79
C THR A 588 -2.92 -6.78 23.43
N TYR A 589 -2.36 -7.73 22.69
CA TYR A 589 -2.95 -8.10 21.39
C TYR A 589 -4.36 -8.65 21.61
N GLN A 590 -4.51 -9.56 22.58
CA GLN A 590 -5.82 -10.18 22.81
C GLN A 590 -6.86 -9.12 23.12
N GLU A 591 -6.48 -8.12 23.91
CA GLU A 591 -7.39 -7.06 24.36
C GLU A 591 -7.76 -6.08 23.25
N HIS A 592 -6.83 -5.88 22.31
CA HIS A 592 -7.03 -4.91 21.23
C HIS A 592 -7.59 -5.52 19.96
N LYS A 593 -7.50 -6.84 19.83
CA LYS A 593 -7.79 -7.57 18.58
C LYS A 593 -9.13 -7.21 17.94
N ALA A 594 -10.19 -7.19 18.75
CA ALA A 594 -11.54 -6.92 18.25
C ALA A 594 -11.67 -5.53 17.61
N SER A 595 -10.85 -4.57 18.05
CA SER A 595 -10.94 -3.23 17.50
C SER A 595 -9.80 -2.85 16.54
N MET A 596 -9.01 -3.84 16.14
CA MET A 596 -7.96 -3.63 15.17
C MET A 596 -8.54 -3.77 13.76
N HIS A 597 -7.83 -3.23 12.78
CA HIS A 597 -8.13 -3.53 11.39
C HIS A 597 -8.10 -5.04 11.20
N PRO A 598 -9.03 -5.61 10.39
CA PRO A 598 -9.08 -7.07 10.29
C PRO A 598 -7.82 -7.74 9.75
N VAL A 599 -7.13 -7.10 8.80
CA VAL A 599 -5.94 -7.71 8.21
C VAL A 599 -4.78 -7.59 9.21
N THR A 600 -4.65 -6.42 9.82
CA THR A 600 -3.66 -6.24 10.87
C THR A 600 -3.87 -7.24 12.01
N ALA A 601 -5.11 -7.44 12.44
CA ALA A 601 -5.38 -8.39 13.53
C ALA A 601 -4.97 -9.78 13.11
N MET A 602 -5.26 -10.14 11.86
CA MET A 602 -4.89 -11.48 11.40
C MET A 602 -3.38 -11.68 11.42
N LEU A 603 -2.64 -10.70 10.91
CA LEU A 603 -1.20 -10.82 10.70
C LEU A 603 -0.44 -10.76 12.02
N VAL A 604 -0.85 -9.85 12.91
CA VAL A 604 -0.25 -9.84 14.27
C VAL A 604 -0.51 -11.16 15.00
N GLY A 605 -1.72 -11.70 14.89
CA GLY A 605 -2.02 -12.97 15.56
C GLY A 605 -1.13 -14.07 15.02
N LYS A 606 -0.95 -14.09 13.70
CA LYS A 606 -0.04 -15.05 13.08
C LYS A 606 1.40 -14.88 13.58
N ASP A 607 1.86 -13.64 13.65
CA ASP A 607 3.22 -13.33 14.10
C ASP A 607 3.46 -13.82 15.54
N LEU A 608 2.45 -13.65 16.38
CA LEU A 608 2.54 -13.94 17.81
C LEU A 608 2.20 -15.39 18.10
N LYS A 609 1.75 -16.12 17.08
CA LYS A 609 1.31 -17.52 17.24
C LYS A 609 0.13 -17.64 18.20
N VAL A 610 -0.80 -16.68 18.10
CA VAL A 610 -2.00 -16.67 18.95
C VAL A 610 -3.29 -16.58 18.11
ZN ZN B . 3.54 1.21 -3.95
YB YB C . 39.24 0.61 26.39
O8 798 D . -0.59 -9.99 -3.01
C7 798 D . 0.29 -9.20 -2.80
C9 798 D . 1.74 -9.52 -3.06
C10 798 D . 2.19 -9.83 -4.33
C11 798 D . 3.55 -10.10 -4.54
C12 798 D . 4.47 -10.06 -3.49
C15 798 D . 5.93 -10.35 -3.70
C16 798 D . 6.48 -10.08 -4.96
S17 798 D . 8.20 -10.51 -4.90
C18 798 D . 8.20 -11.14 -3.20
C19 798 D . 6.84 -10.94 -2.77
C13 798 D . 4.01 -9.73 -2.22
C14 798 D . 2.64 -9.47 -2.00
C6 798 D . -0.10 -7.89 -2.27
C5 798 D . -0.68 -7.81 -1.00
C4 798 D . -1.07 -6.55 -0.48
C3 798 D . -0.85 -5.43 -1.27
C2 798 D . -0.29 -5.55 -2.54
C1 798 D . 0.10 -6.77 -3.05
O20 798 D . -1.17 -4.16 -0.85
C21 798 D . -1.35 -3.91 0.52
C22 798 D . -1.08 -2.43 0.76
N23 798 D . -1.83 -1.52 -0.09
C24 798 D . -1.19 -0.20 0.04
C25 798 D . 0.27 -0.49 0.36
C26 798 D . 0.36 -2.02 0.51
C ACT E . 38.53 -2.08 26.91
O ACT E . 38.01 -1.21 27.62
OXT ACT E . 39.28 -1.76 25.92
CH3 ACT E . 38.17 -3.50 27.33
N1 IMD F . 18.10 -0.35 6.42
C2 IMD F . 18.75 0.81 6.10
N3 IMD F . 20.08 0.65 6.28
C4 IMD F . 20.30 -0.61 6.73
C5 IMD F . 19.05 -1.23 6.83
N1 IMD G . 13.42 11.36 8.45
C2 IMD G . 13.38 10.31 9.31
N3 IMD G . 13.13 9.17 8.61
C4 IMD G . 13.05 9.49 7.31
C5 IMD G . 13.23 10.85 7.21
#